data_7ADU
#
_entry.id   7ADU
#
_cell.length_a   159.469
_cell.length_b   159.469
_cell.length_c   123.499
_cell.angle_alpha   90.000
_cell.angle_beta   90.000
_cell.angle_gamma   90.000
#
_symmetry.space_group_name_H-M   'P 41 21 2'
#
loop_
_entity.id
_entity.type
_entity.pdbx_description
1 polymer Integrase
2 polymer "DNA (5'-D(*AP*TP*TP*GP*TP*CP*AP*TP*GP*GP*AP*AP*TP*TP*TP*CP*GP*CP*A)-3')"
3 polymer "DNA (5'-D(*TP*GP*CP*GP*AP*AP*AP*TP*TP*CP*CP*AP*TP*GP*AP*CP*A)-3')"
4 non-polymer 'MAGNESIUM ION'
5 non-polymer ~{N}-[[2,4-bis(fluoranyl)phenyl]methyl]-5-(hydroxymethyl)-1,4-bis(oxidanyl)-2-oxidanylidene-1,8-naphthyridine-3-carboxamide
6 non-polymer 'ZINC ION'
7 non-polymer 'SULFATE ION'
8 non-polymer GLYCEROL
9 non-polymer '2-(N-MORPHOLINO)-ETHANESULFONIC ACID'
10 water water
#
loop_
_entity_poly.entity_id
_entity_poly.type
_entity_poly.pdbx_seq_one_letter_code
_entity_poly.pdbx_strand_id
1 'polypeptide(L)'
;GPGCNTKKPNLDAELDQLLQGHYIKGYPKQYTYFLEDGKVKVSRPEGVKIIPPQSDRQKIVLQAHNLAHTGREATLLKIA
NLYWWPNMRKDVVKQLGRCQQCLITNASNKASGPILRPDRPQKPFDKFFIDYIGPLPPSQGYLYVLVVVDGMTGFTWLYP
TKAPSTSATVKSLNVLTSIAIPKVIHSDQGAAFTSSTFAEWAKERGIHLEFSTPYHPQSSGKVERKNSDIKRLLTKLLVG
RPTKWYDLLPVVQLALNNTYSPVLKYTPHQLLFGIDSNTPFANQDTLDLTREEELSLLQEIRTSLYHPSTPPASSRSWSP
VVGQLVQERVARPASLRPRWHKPSTVLKVLNPRTVVILDHLGNNRTVSIDNLKPTSHQNGTTNDTATMDHLEKNE
;
A,B
2 'polydeoxyribonucleotide' (DA)(DT)(DT)(DG)(DT)(DC)(DA)(DT)(DG)(DG)(DA)(DA)(DT)(DT)(DT)(DC)(DG)(DC)(DA) C
3 'polydeoxyribonucleotide' (DT)(DG)(DC)(DG)(DA)(DA)(DA)(DT)(DT)(DC)(DC)(DA)(DT)(DG)(DA)(DC)(DA) D
#
loop_
_chem_comp.id
_chem_comp.type
_chem_comp.name
_chem_comp.formula
DA DNA linking 2'-DEOXYADENOSINE-5'-MONOPHOSPHATE 'C10 H14 N5 O6 P'
DC DNA linking 2'-DEOXYCYTIDINE-5'-MONOPHOSPHATE 'C9 H14 N3 O7 P'
DG DNA linking 2'-DEOXYGUANOSINE-5'-MONOPHOSPHATE 'C10 H14 N5 O7 P'
DT DNA linking THYMIDINE-5'-MONOPHOSPHATE 'C10 H15 N2 O8 P'
GOL non-polymer GLYCEROL 'C3 H8 O3'
MES non-polymer '2-(N-MORPHOLINO)-ETHANESULFONIC ACID' 'C6 H13 N O4 S'
MG non-polymer 'MAGNESIUM ION' 'Mg 2'
R7K non-polymer ~{N}-[[2,4-bis(fluoranyl)phenyl]methyl]-5-(hydroxymethyl)-1,4-bis(oxidanyl)-2-oxidanylidene-1,8-naphthyridine-3-carboxamide 'C17 H13 F2 N3 O5'
SO4 non-polymer 'SULFATE ION' 'O4 S -2'
ZN non-polymer 'ZINC ION' 'Zn 2'
#
# COMPACT_ATOMS: atom_id res chain seq x y z
N ASP A 12 49.90 -40.93 -2.11
CA ASP A 12 51.28 -41.39 -2.00
C ASP A 12 51.43 -42.77 -2.65
N ALA A 13 50.58 -43.71 -2.24
CA ALA A 13 50.54 -45.01 -2.88
C ALA A 13 50.00 -44.91 -4.30
N GLU A 14 49.04 -44.01 -4.51
CA GLU A 14 48.52 -43.78 -5.86
C GLU A 14 49.60 -43.20 -6.76
N LEU A 15 50.40 -42.27 -6.23
CA LEU A 15 51.49 -41.69 -7.01
C LEU A 15 52.65 -42.65 -7.19
N ASP A 16 52.76 -43.67 -6.33
CA ASP A 16 53.88 -44.60 -6.43
C ASP A 16 53.76 -45.47 -7.68
N GLN A 17 52.58 -46.02 -7.93
CA GLN A 17 52.37 -46.85 -9.12
C GLN A 17 52.40 -46.04 -10.40
N LEU A 18 52.27 -44.71 -10.31
CA LEU A 18 52.30 -43.87 -11.50
C LEU A 18 53.73 -43.66 -12.00
N LEU A 19 54.72 -43.67 -11.09
CA LEU A 19 56.09 -43.42 -11.49
C LEU A 19 56.68 -44.57 -12.30
N GLN A 20 56.27 -45.80 -12.00
CA GLN A 20 56.78 -46.97 -12.72
C GLN A 20 56.12 -47.15 -14.08
N GLY A 21 55.00 -46.48 -14.34
CA GLY A 21 54.34 -46.55 -15.63
C GLY A 21 52.96 -47.17 -15.63
N HIS A 22 52.47 -47.62 -14.49
CA HIS A 22 51.13 -48.20 -14.43
C HIS A 22 50.07 -47.11 -14.57
N TYR A 23 48.96 -47.49 -15.19
CA TYR A 23 47.88 -46.54 -15.46
C TYR A 23 46.99 -46.37 -14.24
N ILE A 24 46.61 -45.12 -13.98
CA ILE A 24 45.64 -44.77 -12.95
C ILE A 24 44.60 -43.87 -13.58
N LYS A 25 43.32 -44.17 -13.34
CA LYS A 25 42.23 -43.41 -13.94
C LYS A 25 42.33 -41.94 -13.57
N GLY A 26 42.18 -41.07 -14.58
CA GLY A 26 42.30 -39.64 -14.42
C GLY A 26 43.62 -39.08 -14.89
N TYR A 27 44.69 -39.87 -14.79
CA TYR A 27 46.00 -39.45 -15.25
C TYR A 27 46.22 -39.94 -16.67
N PRO A 28 46.31 -39.06 -17.67
CA PRO A 28 46.50 -39.53 -19.04
C PRO A 28 47.81 -40.29 -19.20
N LYS A 29 47.77 -41.31 -20.05
CA LYS A 29 48.91 -42.21 -20.22
C LYS A 29 50.01 -41.59 -21.07
N GLN A 30 49.66 -40.78 -22.06
CA GLN A 30 50.63 -40.22 -23.02
C GLN A 30 51.57 -39.18 -22.41
N TYR A 31 51.66 -39.04 -21.09
CA TYR A 31 52.61 -38.11 -20.48
C TYR A 31 53.58 -38.89 -19.60
N THR A 32 54.82 -38.40 -19.56
CA THR A 32 55.88 -39.02 -18.76
C THR A 32 55.84 -38.43 -17.36
N TYR A 33 55.47 -39.26 -16.39
CA TYR A 33 55.47 -38.88 -14.98
C TYR A 33 56.78 -39.33 -14.35
N PHE A 34 57.55 -38.38 -13.83
CA PHE A 34 58.87 -38.67 -13.26
C PHE A 34 58.97 -38.08 -11.86
N LEU A 35 60.10 -38.32 -11.22
CA LEU A 35 60.38 -37.83 -9.88
C LEU A 35 61.59 -36.91 -9.91
N GLU A 36 61.50 -35.81 -9.18
CA GLU A 36 62.58 -34.83 -9.14
C GLU A 36 62.47 -34.03 -7.85
N ASP A 37 63.58 -33.96 -7.10
CA ASP A 37 63.63 -33.24 -5.83
C ASP A 37 62.61 -33.76 -4.83
N GLY A 38 62.33 -35.06 -4.88
CA GLY A 38 61.38 -35.64 -3.94
C GLY A 38 59.93 -35.33 -4.23
N LYS A 39 59.61 -34.86 -5.43
CA LYS A 39 58.25 -34.52 -5.80
C LYS A 39 57.92 -35.14 -7.15
N VAL A 40 56.71 -35.69 -7.26
CA VAL A 40 56.24 -36.28 -8.52
C VAL A 40 55.85 -35.15 -9.47
N LYS A 41 56.47 -35.14 -10.65
CA LYS A 41 56.25 -34.09 -11.63
C LYS A 41 55.77 -34.70 -12.95
N VAL A 42 55.31 -33.83 -13.84
CA VAL A 42 54.79 -34.24 -15.14
C VAL A 42 55.12 -33.15 -16.15
N SER A 43 55.44 -33.57 -17.38
CA SER A 43 55.79 -32.66 -18.47
C SER A 43 54.54 -32.40 -19.30
N ARG A 44 53.83 -31.32 -18.97
CA ARG A 44 52.62 -30.91 -19.65
C ARG A 44 52.93 -29.86 -20.69
N PRO A 45 52.01 -29.61 -21.65
CA PRO A 45 52.28 -28.59 -22.67
C PRO A 45 52.60 -27.21 -22.11
N GLU A 46 51.95 -26.83 -21.00
CA GLU A 46 52.23 -25.54 -20.40
C GLU A 46 53.57 -25.51 -19.68
N GLY A 47 54.12 -26.67 -19.35
CA GLY A 47 55.39 -26.75 -18.66
C GLY A 47 55.39 -27.94 -17.72
N VAL A 48 56.36 -27.93 -16.81
CA VAL A 48 56.49 -28.99 -15.81
C VAL A 48 55.75 -28.57 -14.55
N LYS A 49 54.84 -29.42 -14.09
CA LYS A 49 54.03 -29.15 -12.92
C LYS A 49 54.23 -30.23 -11.87
N ILE A 50 54.09 -29.84 -10.61
CA ILE A 50 54.19 -30.78 -9.50
C ILE A 50 52.84 -31.45 -9.29
N ILE A 51 52.83 -32.77 -9.18
CA ILE A 51 51.60 -33.49 -8.86
C ILE A 51 51.62 -33.80 -7.37
N PRO A 52 50.87 -33.05 -6.56
CA PRO A 52 50.88 -33.30 -5.11
C PRO A 52 50.04 -34.52 -4.79
N PRO A 53 50.33 -35.19 -3.66
CA PRO A 53 49.49 -36.32 -3.24
C PRO A 53 48.07 -35.87 -2.95
N GLN A 54 47.15 -36.83 -2.97
CA GLN A 54 45.74 -36.52 -2.73
C GLN A 54 45.55 -35.88 -1.36
N SER A 55 46.33 -36.29 -0.36
CA SER A 55 46.18 -35.78 0.99
C SER A 55 46.62 -34.34 1.14
N ASP A 56 47.32 -33.77 0.16
CA ASP A 56 47.80 -32.39 0.23
C ASP A 56 47.02 -31.42 -0.65
N ARG A 57 46.09 -31.91 -1.48
CA ARG A 57 45.46 -31.05 -2.46
C ARG A 57 44.44 -30.10 -1.85
N GLN A 58 43.74 -30.51 -0.78
CA GLN A 58 42.80 -29.61 -0.14
C GLN A 58 43.52 -28.42 0.47
N LYS A 59 44.66 -28.66 1.12
CA LYS A 59 45.42 -27.56 1.72
C LYS A 59 45.98 -26.62 0.66
N ILE A 60 46.33 -27.15 -0.52
CA ILE A 60 46.86 -26.31 -1.59
C ILE A 60 45.78 -25.40 -2.13
N VAL A 61 44.59 -25.95 -2.39
CA VAL A 61 43.48 -25.14 -2.89
C VAL A 61 43.12 -24.05 -1.87
N LEU A 62 43.22 -24.36 -0.58
CA LEU A 62 42.88 -23.39 0.44
C LEU A 62 43.88 -22.24 0.47
N GLN A 63 45.17 -22.55 0.39
CA GLN A 63 46.19 -21.50 0.41
C GLN A 63 46.09 -20.61 -0.80
N ALA A 64 45.76 -21.17 -1.97
CA ALA A 64 45.60 -20.36 -3.17
C ALA A 64 44.36 -19.47 -3.07
N HIS A 65 43.25 -20.04 -2.60
CA HIS A 65 42.03 -19.25 -2.46
C HIS A 65 42.21 -18.13 -1.44
N ASN A 66 42.79 -18.44 -0.28
CA ASN A 66 42.87 -17.48 0.81
C ASN A 66 43.75 -16.27 0.51
N LEU A 67 44.54 -16.31 -0.56
CA LEU A 67 45.39 -15.16 -0.90
C LEU A 67 44.55 -13.91 -1.07
N ALA A 68 43.51 -13.98 -1.91
CA ALA A 68 42.60 -12.86 -2.11
C ALA A 68 41.14 -13.31 -2.15
N HIS A 69 40.85 -14.50 -1.63
CA HIS A 69 39.50 -15.06 -1.61
C HIS A 69 38.84 -14.97 -2.98
N THR A 70 39.56 -15.47 -3.98
CA THR A 70 39.16 -15.36 -5.38
C THR A 70 38.23 -16.50 -5.78
N GLY A 71 37.49 -16.26 -6.86
CA GLY A 71 36.53 -17.22 -7.36
C GLY A 71 37.17 -18.42 -8.04
N ARG A 72 36.45 -19.06 -8.95
CA ARG A 72 36.89 -20.33 -9.51
C ARG A 72 38.15 -20.16 -10.35
N GLU A 73 38.08 -19.33 -11.40
CA GLU A 73 39.19 -19.25 -12.35
C GLU A 73 40.41 -18.56 -11.76
N ALA A 74 40.20 -17.47 -11.01
CA ALA A 74 41.33 -16.76 -10.44
C ALA A 74 42.07 -17.60 -9.41
N THR A 75 41.35 -18.47 -8.69
CA THR A 75 42.01 -19.38 -7.77
C THR A 75 42.74 -20.49 -8.52
N LEU A 76 42.18 -20.94 -9.65
CA LEU A 76 42.82 -22.03 -10.39
C LEU A 76 44.09 -21.55 -11.08
N LEU A 77 44.06 -20.33 -11.64
CA LEU A 77 45.24 -19.80 -12.32
C LEU A 77 46.43 -19.72 -11.37
N LYS A 78 46.17 -19.51 -10.08
CA LYS A 78 47.26 -19.57 -9.10
C LYS A 78 47.80 -20.98 -8.96
N ILE A 79 46.91 -21.95 -8.74
CA ILE A 79 47.36 -23.33 -8.52
C ILE A 79 48.05 -23.86 -9.77
N ALA A 80 47.53 -23.52 -10.95
CA ALA A 80 48.08 -24.04 -12.19
C ALA A 80 49.50 -23.56 -12.44
N ASN A 81 49.94 -22.50 -11.76
CA ASN A 81 51.32 -22.03 -11.93
C ASN A 81 52.33 -23.05 -11.42
N LEU A 82 51.95 -23.87 -10.44
CA LEU A 82 52.87 -24.81 -9.82
C LEU A 82 52.41 -26.26 -9.93
N TYR A 83 51.12 -26.54 -9.81
CA TYR A 83 50.63 -27.90 -9.64
C TYR A 83 49.73 -28.31 -10.79
N TRP A 84 49.50 -29.62 -10.87
CA TRP A 84 48.50 -30.21 -11.74
C TRP A 84 48.03 -31.51 -11.12
N TRP A 85 46.73 -31.78 -11.24
CA TRP A 85 46.16 -33.06 -10.85
C TRP A 85 44.80 -33.20 -11.53
N PRO A 86 44.28 -34.43 -11.65
CA PRO A 86 43.01 -34.62 -12.37
C PRO A 86 41.87 -33.87 -11.70
N ASN A 87 41.13 -33.11 -12.51
CA ASN A 87 39.92 -32.40 -12.08
C ASN A 87 40.24 -31.40 -10.97
N MET A 88 41.06 -30.41 -11.32
CA MET A 88 41.47 -29.41 -10.34
C MET A 88 40.31 -28.49 -9.97
N ARG A 89 39.55 -28.03 -10.98
CA ARG A 89 38.42 -27.14 -10.71
C ARG A 89 37.38 -27.80 -9.81
N LYS A 90 37.23 -29.13 -9.90
CA LYS A 90 36.31 -29.83 -9.01
C LYS A 90 36.71 -29.61 -7.56
N ASP A 91 38.00 -29.67 -7.25
CA ASP A 91 38.46 -29.41 -5.89
C ASP A 91 38.40 -27.93 -5.56
N VAL A 92 38.56 -27.06 -6.56
CA VAL A 92 38.46 -25.62 -6.32
C VAL A 92 37.04 -25.24 -5.94
N VAL A 93 36.06 -25.67 -6.73
CA VAL A 93 34.67 -25.36 -6.45
C VAL A 93 34.25 -25.95 -5.11
N LYS A 94 34.80 -27.10 -4.74
CA LYS A 94 34.46 -27.71 -3.45
C LYS A 94 34.85 -26.79 -2.29
N GLN A 95 35.97 -26.10 -2.40
CA GLN A 95 36.40 -25.19 -1.34
C GLN A 95 35.61 -23.90 -1.36
N LEU A 96 35.25 -23.40 -2.54
CA LEU A 96 34.46 -22.18 -2.64
C LEU A 96 33.12 -22.33 -1.94
N GLY A 97 32.46 -23.47 -2.11
CA GLY A 97 31.20 -23.73 -1.44
C GLY A 97 31.31 -23.91 0.06
N ARG A 98 32.52 -24.07 0.58
CA ARG A 98 32.74 -24.20 2.01
C ARG A 98 33.30 -22.94 2.65
N CYS A 99 33.76 -21.98 1.86
CA CYS A 99 34.31 -20.74 2.39
C CYS A 99 33.17 -19.83 2.80
N GLN A 100 32.96 -19.70 4.12
CA GLN A 100 31.84 -18.91 4.62
C GLN A 100 31.99 -17.44 4.28
N GLN A 101 33.23 -16.93 4.25
CA GLN A 101 33.42 -15.51 3.98
C GLN A 101 32.99 -15.15 2.56
N CYS A 102 33.34 -15.99 1.58
CA CYS A 102 32.95 -15.70 0.20
C CYS A 102 31.45 -15.84 0.01
N LEU A 103 30.83 -16.83 0.67
CA LEU A 103 29.41 -17.08 0.47
C LEU A 103 28.56 -15.90 0.92
N ILE A 104 28.97 -15.22 2.00
CA ILE A 104 28.18 -14.15 2.57
C ILE A 104 28.62 -12.76 2.12
N THR A 105 29.76 -12.64 1.45
CA THR A 105 30.26 -11.35 0.98
C THR A 105 30.12 -11.15 -0.52
N ASN A 106 30.26 -12.20 -1.32
CA ASN A 106 30.20 -12.06 -2.76
C ASN A 106 28.80 -11.67 -3.22
N ALA A 107 28.74 -11.06 -4.39
CA ALA A 107 27.48 -10.68 -5.01
C ALA A 107 26.93 -11.82 -5.85
N SER A 108 25.63 -11.77 -6.12
CA SER A 108 25.00 -12.74 -7.00
C SER A 108 25.19 -12.34 -8.46
N ASN A 109 25.28 -13.34 -9.32
CA ASN A 109 25.32 -13.12 -10.76
C ASN A 109 24.12 -13.73 -11.47
N LYS A 110 23.07 -14.04 -10.71
CA LYS A 110 21.81 -14.54 -11.26
C LYS A 110 20.69 -13.59 -10.84
N ALA A 111 19.93 -13.10 -11.83
CA ALA A 111 18.87 -12.15 -11.56
C ALA A 111 17.62 -12.85 -11.08
N SER A 112 16.73 -12.09 -10.46
CA SER A 112 15.46 -12.63 -10.01
C SER A 112 14.55 -12.92 -11.20
N GLY A 113 13.64 -13.87 -11.02
CA GLY A 113 12.65 -14.18 -12.03
C GLY A 113 11.74 -12.99 -12.31
N PRO A 114 10.98 -13.07 -13.38
CA PRO A 114 10.14 -11.93 -13.77
C PRO A 114 9.08 -11.62 -12.73
N ILE A 115 8.72 -10.34 -12.63
CA ILE A 115 7.79 -9.91 -11.60
C ILE A 115 6.38 -10.42 -11.91
N LEU A 116 5.60 -10.60 -10.85
CA LEU A 116 4.18 -10.87 -10.97
C LEU A 116 3.40 -9.58 -11.11
N ARG A 117 2.34 -9.61 -11.90
CA ARG A 117 1.41 -8.49 -12.01
C ARG A 117 0.10 -8.93 -11.38
N PRO A 118 -0.05 -8.83 -10.05
CA PRO A 118 -1.24 -9.35 -9.40
C PRO A 118 -2.51 -8.68 -9.89
N ASP A 119 -3.60 -9.45 -9.90
CA ASP A 119 -4.87 -8.96 -10.43
C ASP A 119 -5.32 -7.71 -9.68
N ARG A 120 -5.86 -6.75 -10.43
CA ARG A 120 -6.43 -5.57 -9.82
C ARG A 120 -7.61 -5.97 -8.94
N PRO A 121 -7.75 -5.38 -7.75
CA PRO A 121 -8.92 -5.66 -6.92
C PRO A 121 -10.21 -5.43 -7.70
N GLN A 122 -11.19 -6.31 -7.48
CA GLN A 122 -12.40 -6.28 -8.30
C GLN A 122 -13.27 -5.08 -7.97
N LYS A 123 -13.39 -4.74 -6.68
CA LYS A 123 -14.28 -3.67 -6.28
C LYS A 123 -13.51 -2.58 -5.53
N PRO A 124 -14.03 -1.36 -5.50
CA PRO A 124 -13.47 -0.35 -4.59
C PRO A 124 -13.62 -0.81 -3.15
N PHE A 125 -12.67 -0.36 -2.32
CA PHE A 125 -12.60 -0.71 -0.90
C PHE A 125 -12.34 -2.19 -0.68
N ASP A 126 -11.97 -2.94 -1.73
CA ASP A 126 -11.56 -4.32 -1.51
C ASP A 126 -10.17 -4.40 -0.89
N LYS A 127 -9.29 -3.48 -1.25
CA LYS A 127 -7.93 -3.49 -0.72
C LYS A 127 -7.38 -2.08 -0.73
N PHE A 128 -7.00 -1.57 0.44
CA PHE A 128 -6.28 -0.31 0.55
C PHE A 128 -4.79 -0.58 0.61
N PHE A 129 -4.02 0.28 -0.03
CA PHE A 129 -2.58 0.33 0.14
C PHE A 129 -2.26 1.63 0.88
N ILE A 130 -1.42 1.54 1.91
CA ILE A 130 -1.07 2.70 2.72
C ILE A 130 0.45 2.74 2.91
N ASP A 131 0.97 3.95 3.09
CA ASP A 131 2.39 4.20 3.28
C ASP A 131 2.54 5.65 3.70
N TYR A 132 3.70 5.97 4.27
CA TYR A 132 4.02 7.32 4.71
C TYR A 132 5.04 7.94 3.77
N ILE A 133 4.85 9.23 3.49
CA ILE A 133 5.84 10.05 2.81
C ILE A 133 6.47 10.96 3.86
N GLY A 134 7.80 11.05 3.85
CA GLY A 134 8.48 11.94 4.76
C GLY A 134 9.81 11.39 5.24
N PRO A 135 10.56 12.21 5.99
CA PRO A 135 10.14 13.55 6.42
C PRO A 135 10.29 14.62 5.35
N LEU A 136 9.36 15.57 5.35
CA LEU A 136 9.32 16.71 4.46
C LEU A 136 9.74 17.98 5.18
N PRO A 137 9.97 19.08 4.46
CA PRO A 137 10.20 20.36 5.12
C PRO A 137 9.04 20.69 6.05
N PRO A 138 9.34 21.19 7.26
CA PRO A 138 8.25 21.50 8.21
C PRO A 138 7.25 22.48 7.63
N SER A 139 5.98 22.07 7.62
CA SER A 139 4.89 22.89 7.11
C SER A 139 3.78 22.86 8.14
N GLN A 140 3.52 24.01 8.78
CA GLN A 140 2.51 24.12 9.83
C GLN A 140 2.74 23.13 10.96
N GLY A 141 4.01 22.79 11.19
CA GLY A 141 4.36 21.80 12.20
C GLY A 141 4.27 20.36 11.74
N TYR A 142 3.84 20.12 10.51
CA TYR A 142 3.67 18.76 9.99
C TYR A 142 4.87 18.36 9.14
N LEU A 143 5.24 17.08 9.22
CA LEU A 143 6.43 16.56 8.56
C LEU A 143 6.17 15.38 7.64
N TYR A 144 5.06 14.67 7.82
CA TYR A 144 4.78 13.44 7.08
C TYR A 144 3.41 13.53 6.43
N VAL A 145 3.16 12.60 5.52
CA VAL A 145 1.89 12.50 4.80
C VAL A 145 1.49 11.03 4.76
N LEU A 146 0.30 10.73 5.28
CA LEU A 146 -0.26 9.39 5.15
C LEU A 146 -0.96 9.29 3.80
N VAL A 147 -0.56 8.32 2.98
CA VAL A 147 -1.11 8.13 1.65
C VAL A 147 -1.89 6.83 1.65
N VAL A 148 -3.18 6.92 1.33
CA VAL A 148 -4.07 5.76 1.26
C VAL A 148 -4.63 5.68 -0.16
N VAL A 149 -4.30 4.60 -0.86
CA VAL A 149 -4.71 4.40 -2.24
C VAL A 149 -5.61 3.17 -2.30
N ASP A 150 -6.79 3.34 -2.89
CA ASP A 150 -7.67 2.21 -3.16
C ASP A 150 -7.12 1.44 -4.35
N GLY A 151 -6.89 0.13 -4.17
CA GLY A 151 -6.20 -0.64 -5.19
C GLY A 151 -6.95 -0.72 -6.50
N MET A 152 -8.28 -0.77 -6.43
CA MET A 152 -9.07 -0.94 -7.65
C MET A 152 -9.16 0.35 -8.45
N THR A 153 -9.35 1.49 -7.77
CA THR A 153 -9.61 2.75 -8.45
C THR A 153 -8.39 3.64 -8.57
N GLY A 154 -7.41 3.49 -7.67
CA GLY A 154 -6.34 4.46 -7.55
C GLY A 154 -6.72 5.72 -6.81
N PHE A 155 -7.97 5.82 -6.35
CA PHE A 155 -8.41 6.96 -5.57
C PHE A 155 -7.57 7.09 -4.31
N THR A 156 -7.13 8.32 -4.01
CA THR A 156 -6.12 8.55 -2.98
C THR A 156 -6.61 9.55 -1.95
N TRP A 157 -6.37 9.24 -0.68
CA TRP A 157 -6.59 10.16 0.42
C TRP A 157 -5.25 10.56 1.01
N LEU A 158 -5.11 11.83 1.35
CA LEU A 158 -3.88 12.37 1.91
C LEU A 158 -4.16 12.94 3.30
N TYR A 159 -3.30 12.60 4.25
CA TYR A 159 -3.43 13.06 5.64
C TYR A 159 -2.09 13.52 6.16
N PRO A 160 -1.92 14.80 6.49
CA PRO A 160 -0.65 15.24 7.07
C PRO A 160 -0.55 14.85 8.54
N THR A 161 0.63 14.38 8.92
CA THR A 161 0.90 13.97 10.29
C THR A 161 2.23 14.56 10.76
N LYS A 162 2.41 14.59 12.08
CA LYS A 162 3.65 15.04 12.69
C LYS A 162 4.67 13.91 12.85
N ALA A 163 4.25 12.66 12.67
CA ALA A 163 5.13 11.51 12.82
C ALA A 163 4.50 10.33 12.10
N PRO A 164 5.31 9.41 11.57
CA PRO A 164 4.76 8.17 11.00
C PRO A 164 4.38 7.17 12.09
N SER A 165 3.50 7.60 12.99
CA SER A 165 3.15 6.87 14.19
C SER A 165 1.83 6.11 14.02
N THR A 166 1.63 5.12 14.88
CA THR A 166 0.36 4.38 14.87
C THR A 166 -0.79 5.29 15.28
N SER A 167 -0.57 6.15 16.27
CA SER A 167 -1.63 7.04 16.74
C SER A 167 -2.09 7.98 15.63
N ALA A 168 -1.16 8.56 14.88
CA ALA A 168 -1.53 9.41 13.76
C ALA A 168 -2.17 8.61 12.64
N THR A 169 -1.76 7.35 12.47
CA THR A 169 -2.35 6.50 11.44
C THR A 169 -3.81 6.16 11.77
N VAL A 170 -4.07 5.85 13.05
CA VAL A 170 -5.42 5.50 13.45
C VAL A 170 -6.35 6.70 13.35
N LYS A 171 -5.90 7.86 13.81
CA LYS A 171 -6.74 9.05 13.76
C LYS A 171 -7.12 9.40 12.32
N SER A 172 -6.20 9.22 11.39
CA SER A 172 -6.50 9.53 9.99
C SER A 172 -7.42 8.48 9.37
N LEU A 173 -7.21 7.20 9.71
CA LEU A 173 -8.03 6.15 9.12
C LEU A 173 -9.44 6.12 9.70
N ASN A 174 -9.61 6.57 10.94
CA ASN A 174 -10.96 6.70 11.50
C ASN A 174 -11.77 7.74 10.73
N VAL A 175 -11.11 8.80 10.26
CA VAL A 175 -11.79 9.79 9.43
C VAL A 175 -12.09 9.20 8.05
N LEU A 176 -11.14 8.46 7.48
CA LEU A 176 -11.36 7.86 6.17
C LEU A 176 -12.48 6.83 6.22
N THR A 177 -12.41 5.89 7.17
CA THR A 177 -13.41 4.85 7.27
C THR A 177 -14.80 5.36 7.63
N SER A 178 -14.96 6.68 7.81
CA SER A 178 -16.31 7.25 7.91
C SER A 178 -17.07 7.05 6.60
N ILE A 179 -16.37 7.02 5.48
CA ILE A 179 -17.04 6.86 4.19
C ILE A 179 -17.27 5.39 3.83
N ALA A 180 -16.36 4.50 4.21
CA ALA A 180 -16.47 3.08 3.92
C ALA A 180 -15.34 2.34 4.61
N ILE A 181 -15.59 1.06 4.89
CA ILE A 181 -14.60 0.20 5.54
C ILE A 181 -14.02 -0.73 4.48
N PRO A 182 -12.69 -0.83 4.38
CA PRO A 182 -12.09 -1.73 3.39
C PRO A 182 -11.99 -3.16 3.92
N LYS A 183 -11.98 -4.11 2.98
CA LYS A 183 -11.77 -5.50 3.34
C LYS A 183 -10.35 -5.70 3.88
N VAL A 184 -9.35 -5.29 3.11
CA VAL A 184 -7.95 -5.53 3.42
C VAL A 184 -7.19 -4.21 3.33
N ILE A 185 -6.28 -4.00 4.27
CA ILE A 185 -5.33 -2.89 4.22
C ILE A 185 -3.94 -3.48 4.04
N HIS A 186 -3.27 -3.09 2.96
CA HIS A 186 -1.90 -3.55 2.69
C HIS A 186 -0.92 -2.43 3.01
N SER A 187 0.18 -2.79 3.68
CA SER A 187 1.22 -1.83 4.02
C SER A 187 2.55 -2.57 4.07
N ASP A 188 3.63 -1.81 4.12
CA ASP A 188 4.93 -2.38 4.37
C ASP A 188 5.05 -2.71 5.86
N GLN A 189 6.22 -3.15 6.30
CA GLN A 189 6.43 -3.51 7.70
C GLN A 189 7.03 -2.36 8.51
N GLY A 190 6.57 -1.13 8.26
CA GLY A 190 6.96 -0.02 9.10
C GLY A 190 6.39 -0.11 10.49
N ALA A 191 6.94 0.70 11.40
CA ALA A 191 6.57 0.61 12.80
C ALA A 191 5.11 0.97 13.04
N ALA A 192 4.57 1.91 12.27
CA ALA A 192 3.21 2.36 12.50
C ALA A 192 2.18 1.28 12.17
N PHE A 193 2.52 0.36 11.26
CA PHE A 193 1.56 -0.62 10.77
C PHE A 193 1.73 -1.99 11.37
N THR A 194 2.88 -2.29 11.99
CA THR A 194 3.13 -3.58 12.60
C THR A 194 2.87 -3.60 14.10
N SER A 195 2.61 -2.44 14.71
CA SER A 195 2.36 -2.39 16.14
C SER A 195 1.09 -3.16 16.48
N SER A 196 1.08 -3.74 17.69
CA SER A 196 -0.10 -4.46 18.14
C SER A 196 -1.30 -3.54 18.28
N THR A 197 -1.07 -2.26 18.57
CA THR A 197 -2.17 -1.31 18.66
C THR A 197 -2.89 -1.17 17.33
N PHE A 198 -2.13 -1.18 16.22
CA PHE A 198 -2.76 -1.06 14.90
C PHE A 198 -3.49 -2.33 14.52
N ALA A 199 -2.97 -3.50 14.93
CA ALA A 199 -3.65 -4.75 14.64
C ALA A 199 -4.99 -4.84 15.36
N GLU A 200 -5.04 -4.40 16.62
CA GLU A 200 -6.30 -4.38 17.35
C GLU A 200 -7.30 -3.44 16.72
N TRP A 201 -6.83 -2.28 16.26
CA TRP A 201 -7.71 -1.33 15.58
C TRP A 201 -8.33 -1.95 14.33
N ALA A 202 -7.57 -2.74 13.59
CA ALA A 202 -8.10 -3.35 12.37
C ALA A 202 -9.04 -4.50 12.68
N LYS A 203 -8.73 -5.28 13.72
CA LYS A 203 -9.59 -6.41 14.06
C LYS A 203 -10.95 -5.94 14.56
N GLU A 204 -10.97 -4.84 15.33
CA GLU A 204 -12.25 -4.31 15.83
C GLU A 204 -13.18 -3.93 14.69
N ARG A 205 -12.64 -3.62 13.51
CA ARG A 205 -13.41 -3.17 12.37
C ARG A 205 -13.51 -4.22 11.28
N GLY A 206 -13.04 -5.44 11.53
CA GLY A 206 -13.12 -6.49 10.53
C GLY A 206 -12.22 -6.30 9.33
N ILE A 207 -11.08 -5.64 9.52
CA ILE A 207 -10.16 -5.34 8.43
C ILE A 207 -8.97 -6.29 8.55
N HIS A 208 -8.69 -7.03 7.49
CA HIS A 208 -7.52 -7.91 7.45
C HIS A 208 -6.29 -7.10 7.09
N LEU A 209 -5.24 -7.23 7.90
CA LEU A 209 -3.98 -6.53 7.65
C LEU A 209 -3.06 -7.41 6.82
N GLU A 210 -2.62 -6.89 5.68
CA GLU A 210 -1.69 -7.56 4.78
C GLU A 210 -0.39 -6.78 4.75
N PHE A 211 0.73 -7.49 4.80
CA PHE A 211 2.04 -6.87 4.89
C PHE A 211 2.93 -7.31 3.74
N SER A 212 3.66 -6.35 3.19
CA SER A 212 4.69 -6.67 2.20
C SER A 212 5.79 -7.49 2.86
N THR A 213 6.51 -8.25 2.02
CA THR A 213 7.74 -8.86 2.48
C THR A 213 8.72 -7.76 2.89
N PRO A 214 9.58 -8.02 3.86
CA PRO A 214 10.46 -6.95 4.38
C PRO A 214 11.39 -6.40 3.31
N TYR A 215 11.61 -5.09 3.36
CA TYR A 215 12.58 -4.38 2.53
C TYR A 215 12.35 -4.66 1.05
N HIS A 216 11.10 -4.50 0.63
CA HIS A 216 10.69 -4.74 -0.76
C HIS A 216 9.55 -3.79 -1.10
N PRO A 217 9.84 -2.50 -1.29
CA PRO A 217 8.77 -1.53 -1.57
C PRO A 217 8.02 -1.80 -2.87
N GLN A 218 8.54 -2.67 -3.74
CA GLN A 218 7.79 -3.03 -4.95
CA GLN A 218 7.79 -3.05 -4.94
C GLN A 218 6.44 -3.65 -4.59
N SER A 219 6.36 -4.36 -3.47
CA SER A 219 5.10 -4.99 -3.06
C SER A 219 4.05 -3.94 -2.72
N SER A 220 4.46 -2.75 -2.27
CA SER A 220 3.58 -1.62 -2.11
C SER A 220 3.64 -0.67 -3.30
N GLY A 221 3.98 -1.21 -4.48
CA GLY A 221 4.16 -0.38 -5.66
C GLY A 221 2.95 0.46 -6.02
N LYS A 222 1.77 0.08 -5.54
CA LYS A 222 0.56 0.84 -5.82
C LYS A 222 0.66 2.23 -5.20
N VAL A 223 1.00 2.30 -3.91
CA VAL A 223 1.13 3.61 -3.26
CA VAL A 223 1.13 3.60 -3.24
C VAL A 223 2.43 4.28 -3.64
N GLU A 224 3.54 3.53 -3.64
CA GLU A 224 4.84 4.11 -3.96
C GLU A 224 4.78 4.88 -5.28
N ARG A 225 4.12 4.30 -6.28
CA ARG A 225 3.93 5.01 -7.54
C ARG A 225 3.08 6.27 -7.35
N LYS A 226 2.02 6.16 -6.53
CA LYS A 226 1.21 7.34 -6.24
C LYS A 226 2.01 8.37 -5.46
N ASN A 227 2.91 7.92 -4.57
CA ASN A 227 3.79 8.86 -3.87
C ASN A 227 4.60 9.70 -4.86
N SER A 228 5.00 9.10 -5.98
CA SER A 228 5.77 9.84 -6.98
C SER A 228 4.95 10.96 -7.59
N ASP A 229 3.69 10.67 -7.94
CA ASP A 229 2.83 11.70 -8.51
C ASP A 229 2.53 12.81 -7.52
N ILE A 230 2.37 12.46 -6.24
CA ILE A 230 2.12 13.47 -5.21
C ILE A 230 3.31 14.42 -5.09
N LYS A 231 4.51 13.85 -4.99
CA LYS A 231 5.70 14.69 -4.87
C LYS A 231 5.94 15.49 -6.15
N ARG A 232 5.69 14.89 -7.31
CA ARG A 232 5.91 15.58 -8.58
C ARG A 232 5.00 16.80 -8.70
N LEU A 233 3.72 16.65 -8.31
CA LEU A 233 2.80 17.77 -8.38
C LEU A 233 3.13 18.83 -7.33
N LEU A 234 3.41 18.39 -6.09
CA LEU A 234 3.80 19.33 -5.05
C LEU A 234 5.04 20.12 -5.46
N THR A 235 5.99 19.48 -6.12
CA THR A 235 7.18 20.17 -6.59
C THR A 235 6.81 21.26 -7.59
N LYS A 236 5.99 20.92 -8.59
CA LYS A 236 5.64 21.88 -9.64
C LYS A 236 4.87 23.07 -9.06
N LEU A 237 3.99 22.82 -8.09
CA LEU A 237 3.22 23.89 -7.50
C LEU A 237 4.04 24.78 -6.57
N LEU A 238 5.18 24.26 -6.07
CA LEU A 238 6.02 24.98 -5.13
C LEU A 238 7.23 25.63 -5.79
N VAL A 239 7.34 25.55 -7.13
CA VAL A 239 8.47 26.17 -7.82
C VAL A 239 8.41 27.68 -7.63
N GLY A 240 9.53 28.27 -7.21
CA GLY A 240 9.60 29.69 -6.96
C GLY A 240 8.93 30.14 -5.68
N ARG A 241 8.38 29.23 -4.90
CA ARG A 241 7.73 29.53 -3.63
C ARG A 241 8.39 28.74 -2.51
N PRO A 242 8.31 29.22 -1.26
CA PRO A 242 8.74 28.40 -0.14
C PRO A 242 7.86 27.17 0.00
N THR A 243 8.47 26.06 0.43
CA THR A 243 7.82 24.76 0.46
C THR A 243 6.72 24.67 1.51
N LYS A 244 5.65 25.45 1.35
CA LYS A 244 4.46 25.35 2.20
C LYS A 244 3.51 24.36 1.55
N TRP A 245 3.64 23.09 1.92
CA TRP A 245 2.87 22.02 1.29
C TRP A 245 1.62 21.62 2.07
N TYR A 246 1.43 22.12 3.28
CA TYR A 246 0.28 21.70 4.08
C TYR A 246 -1.04 22.11 3.42
N ASP A 247 -1.13 23.37 2.97
CA ASP A 247 -2.34 23.84 2.33
C ASP A 247 -2.53 23.30 0.92
N LEU A 248 -1.53 22.62 0.37
CA LEU A 248 -1.63 22.09 -0.99
C LEU A 248 -2.10 20.64 -1.03
N LEU A 249 -2.03 19.92 0.09
CA LEU A 249 -2.46 18.53 0.12
C LEU A 249 -3.90 18.33 -0.34
N PRO A 250 -4.89 19.13 0.08
CA PRO A 250 -6.23 18.97 -0.51
C PRO A 250 -6.27 19.29 -1.99
N VAL A 251 -5.50 20.28 -2.44
CA VAL A 251 -5.46 20.62 -3.85
C VAL A 251 -4.90 19.46 -4.67
N VAL A 252 -3.79 18.89 -4.21
CA VAL A 252 -3.17 17.78 -4.93
C VAL A 252 -4.06 16.55 -4.90
N GLN A 253 -4.68 16.27 -3.75
CA GLN A 253 -5.57 15.11 -3.64
C GLN A 253 -6.70 15.19 -4.67
N LEU A 254 -7.34 16.35 -4.78
CA LEU A 254 -8.40 16.52 -5.77
C LEU A 254 -7.85 16.44 -7.19
N ALA A 255 -6.69 17.04 -7.42
CA ALA A 255 -6.13 17.09 -8.78
C ALA A 255 -5.77 15.69 -9.27
N LEU A 256 -5.14 14.88 -8.41
CA LEU A 256 -4.72 13.55 -8.84
C LEU A 256 -5.89 12.58 -8.94
N ASN A 257 -6.88 12.70 -8.05
CA ASN A 257 -8.05 11.84 -8.11
C ASN A 257 -8.89 12.08 -9.36
N ASN A 258 -8.77 13.26 -9.97
CA ASN A 258 -9.52 13.59 -11.19
C ASN A 258 -8.62 13.65 -12.42
N THR A 259 -7.45 13.01 -12.38
CA THR A 259 -6.53 13.00 -13.50
C THR A 259 -6.72 11.71 -14.30
N TYR A 260 -6.76 11.85 -15.62
CA TYR A 260 -6.92 10.68 -16.49
C TYR A 260 -5.66 9.84 -16.50
N SER A 261 -5.85 8.51 -16.44
CA SER A 261 -4.78 7.57 -16.71
C SER A 261 -4.80 7.25 -18.21
N PRO A 262 -3.79 7.65 -18.98
CA PRO A 262 -3.86 7.47 -20.44
C PRO A 262 -4.08 6.03 -20.89
N VAL A 263 -3.58 5.04 -20.13
CA VAL A 263 -3.81 3.66 -20.54
C VAL A 263 -5.20 3.19 -20.15
N LEU A 264 -5.77 3.73 -19.07
CA LEU A 264 -7.09 3.31 -18.62
C LEU A 264 -8.21 4.07 -19.31
N LYS A 265 -7.96 5.32 -19.72
CA LYS A 265 -8.96 6.24 -20.26
C LYS A 265 -9.98 6.68 -19.21
N TYR A 266 -9.63 6.61 -17.93
CA TYR A 266 -10.52 7.03 -16.86
C TYR A 266 -9.69 7.64 -15.74
N THR A 267 -10.36 8.41 -14.89
CA THR A 267 -9.76 8.97 -13.70
C THR A 267 -10.10 8.12 -12.49
N PRO A 268 -9.30 8.19 -11.42
CA PRO A 268 -9.67 7.46 -10.19
C PRO A 268 -11.04 7.85 -9.66
N HIS A 269 -11.45 9.11 -9.83
CA HIS A 269 -12.77 9.54 -9.40
C HIS A 269 -13.86 8.83 -10.18
N GLN A 270 -13.69 8.70 -11.50
CA GLN A 270 -14.70 8.05 -12.33
C GLN A 270 -14.81 6.56 -12.01
N LEU A 271 -13.67 5.90 -11.77
CA LEU A 271 -13.71 4.49 -11.41
C LEU A 271 -14.38 4.27 -10.06
N LEU A 272 -14.35 5.28 -9.19
CA LEU A 272 -14.95 5.15 -7.87
C LEU A 272 -16.44 5.49 -7.89
N PHE A 273 -16.82 6.56 -8.59
CA PHE A 273 -18.19 7.05 -8.57
C PHE A 273 -18.96 6.82 -9.87
N GLY A 274 -18.27 6.53 -10.98
CA GLY A 274 -18.97 6.40 -12.24
C GLY A 274 -19.47 7.69 -12.83
N ILE A 275 -19.10 8.83 -12.27
CA ILE A 275 -19.55 10.13 -12.75
C ILE A 275 -18.66 11.22 -12.16
N ASP A 276 -18.29 12.20 -12.98
CA ASP A 276 -17.53 13.33 -12.49
C ASP A 276 -18.39 14.24 -11.64
N SER A 277 -17.76 14.95 -10.72
CA SER A 277 -18.42 15.97 -9.93
C SER A 277 -18.17 17.34 -10.57
N ASN A 278 -18.51 18.40 -9.84
CA ASN A 278 -18.40 19.76 -10.36
C ASN A 278 -16.93 20.23 -10.35
N THR A 279 -16.12 19.52 -11.11
CA THR A 279 -14.72 19.85 -11.33
C THR A 279 -14.53 20.36 -12.75
N PRO A 280 -13.45 21.08 -13.02
CA PRO A 280 -13.23 21.59 -14.38
C PRO A 280 -13.14 20.46 -15.39
N PHE A 281 -13.76 20.68 -16.55
CA PHE A 281 -13.74 19.74 -17.67
C PHE A 281 -14.39 18.40 -17.29
N ALA A 282 -15.49 18.48 -16.55
CA ALA A 282 -16.19 17.28 -16.13
C ALA A 282 -16.82 16.56 -17.32
N ASN A 283 -16.65 15.24 -17.38
CA ASN A 283 -17.22 14.46 -18.46
C ASN A 283 -18.73 14.40 -18.34
N GLN A 284 -19.42 14.55 -19.48
CA GLN A 284 -20.88 14.63 -19.50
C GLN A 284 -21.50 13.59 -20.42
N ASP A 285 -20.79 12.49 -20.69
CA ASP A 285 -21.28 11.51 -21.66
C ASP A 285 -22.52 10.79 -21.16
N THR A 286 -22.52 10.38 -19.89
CA THR A 286 -23.63 9.65 -19.29
C THR A 286 -24.73 10.56 -18.76
N LEU A 287 -24.92 11.73 -19.37
CA LEU A 287 -25.85 12.72 -18.83
C LEU A 287 -27.30 12.27 -19.00
N ASP A 288 -27.61 11.61 -20.11
CA ASP A 288 -28.97 11.20 -20.40
C ASP A 288 -29.34 9.86 -19.77
N LEU A 289 -28.35 9.10 -19.29
CA LEU A 289 -28.63 7.84 -18.63
C LEU A 289 -29.16 8.09 -17.22
N THR A 290 -29.92 7.11 -16.71
CA THR A 290 -30.28 7.14 -15.30
C THR A 290 -29.10 6.67 -14.45
N ARG A 291 -29.21 6.85 -13.13
CA ARG A 291 -28.15 6.42 -12.24
C ARG A 291 -28.00 4.90 -12.27
N GLU A 292 -29.12 4.19 -12.39
CA GLU A 292 -29.06 2.73 -12.49
C GLU A 292 -28.38 2.30 -13.78
N GLU A 293 -28.70 2.97 -14.90
CA GLU A 293 -27.99 2.69 -16.15
C GLU A 293 -26.54 3.13 -16.08
N GLU A 294 -26.27 4.20 -15.33
CA GLU A 294 -24.89 4.68 -15.18
C GLU A 294 -24.06 3.69 -14.36
N LEU A 295 -24.62 3.16 -13.28
CA LEU A 295 -23.91 2.17 -12.48
C LEU A 295 -23.71 0.88 -13.23
N SER A 296 -24.67 0.50 -14.09
CA SER A 296 -24.50 -0.69 -14.91
C SER A 296 -23.30 -0.55 -15.83
N LEU A 297 -23.17 0.61 -16.49
CA LEU A 297 -22.01 0.85 -17.33
C LEU A 297 -20.72 0.89 -16.52
N LEU A 298 -20.79 1.43 -15.30
CA LEU A 298 -19.61 1.47 -14.44
C LEU A 298 -19.16 0.07 -14.06
N GLN A 299 -20.10 -0.84 -13.78
CA GLN A 299 -19.75 -2.19 -13.39
C GLN A 299 -19.03 -2.93 -14.50
N GLU A 300 -19.34 -2.62 -15.77
CA GLU A 300 -18.64 -3.25 -16.87
C GLU A 300 -17.30 -2.58 -17.15
N ILE A 301 -17.20 -1.27 -16.94
CA ILE A 301 -15.93 -0.57 -17.14
C ILE A 301 -14.88 -1.09 -16.17
N ARG A 302 -15.28 -1.37 -14.93
CA ARG A 302 -14.33 -1.86 -13.94
C ARG A 302 -13.77 -3.23 -14.30
N THR A 303 -14.59 -4.08 -14.93
CA THR A 303 -14.15 -5.43 -15.25
C THR A 303 -13.33 -5.51 -16.54
N SER A 304 -13.41 -4.50 -17.40
CA SER A 304 -12.72 -4.51 -18.68
C SER A 304 -11.43 -3.70 -18.68
N LEU A 305 -10.94 -3.30 -17.50
CA LEU A 305 -9.75 -2.46 -17.43
C LEU A 305 -8.51 -3.23 -17.88
N TYR A 306 -7.60 -2.52 -18.52
CA TYR A 306 -6.36 -3.12 -18.98
C TYR A 306 -5.57 -3.67 -17.80
N HIS A 307 -5.03 -4.88 -17.98
CA HIS A 307 -4.19 -5.51 -16.96
C HIS A 307 -2.92 -5.99 -17.61
N PRO A 308 -1.75 -5.58 -17.13
CA PRO A 308 -0.49 -6.05 -17.72
C PRO A 308 -0.18 -7.49 -17.33
N SER A 309 0.69 -8.10 -18.11
CA SER A 309 1.11 -9.48 -17.89
C SER A 309 2.56 -9.53 -17.46
N THR A 310 2.96 -10.70 -16.96
CA THR A 310 4.32 -10.90 -16.49
C THR A 310 5.31 -10.70 -17.64
N PRO A 311 6.38 -9.93 -17.44
CA PRO A 311 7.34 -9.68 -18.52
C PRO A 311 8.16 -10.92 -18.80
N PRO A 312 8.92 -10.95 -19.91
CA PRO A 312 9.79 -12.09 -20.18
C PRO A 312 10.91 -12.18 -19.16
N ALA A 313 11.24 -13.41 -18.78
CA ALA A 313 12.37 -13.63 -17.87
C ALA A 313 13.67 -13.24 -18.54
N SER A 314 14.60 -12.71 -17.75
CA SER A 314 15.91 -12.39 -18.28
C SER A 314 16.68 -13.69 -18.53
N SER A 315 17.75 -13.56 -19.34
CA SER A 315 18.43 -14.75 -19.86
C SER A 315 19.07 -15.59 -18.76
N ARG A 316 19.42 -15.00 -17.63
CA ARG A 316 20.06 -15.72 -16.53
C ARG A 316 19.32 -15.42 -15.21
N SER A 317 18.06 -15.85 -15.14
CA SER A 317 17.25 -15.70 -13.94
C SER A 317 17.18 -17.03 -13.20
N TRP A 318 16.79 -16.95 -11.93
CA TRP A 318 16.62 -18.13 -11.09
C TRP A 318 15.26 -18.08 -10.42
N SER A 319 14.64 -19.25 -10.27
CA SER A 319 13.40 -19.38 -9.54
C SER A 319 13.58 -20.31 -8.35
N PRO A 320 12.91 -20.03 -7.24
CA PRO A 320 13.17 -20.80 -6.01
C PRO A 320 12.53 -22.18 -6.05
N VAL A 321 13.24 -23.13 -5.42
CA VAL A 321 12.81 -24.52 -5.33
C VAL A 321 12.84 -24.92 -3.86
N VAL A 322 11.85 -25.71 -3.43
CA VAL A 322 11.79 -26.16 -2.04
C VAL A 322 13.05 -26.96 -1.72
N GLY A 323 13.66 -26.66 -0.58
CA GLY A 323 14.88 -27.31 -0.15
C GLY A 323 16.16 -26.65 -0.63
N GLN A 324 16.06 -25.65 -1.51
CA GLN A 324 17.24 -24.99 -2.05
C GLN A 324 17.91 -24.13 -0.98
N LEU A 325 19.23 -24.01 -1.08
CA LEU A 325 20.01 -23.15 -0.20
C LEU A 325 20.01 -21.73 -0.76
N VAL A 326 19.40 -20.80 -0.02
CA VAL A 326 19.35 -19.40 -0.40
C VAL A 326 19.89 -18.58 0.74
N GLN A 327 20.17 -17.30 0.47
CA GLN A 327 20.71 -16.38 1.44
C GLN A 327 19.94 -15.07 1.38
N GLU A 328 19.51 -14.60 2.55
CA GLU A 328 18.77 -13.34 2.63
C GLU A 328 19.74 -12.17 2.71
N ARG A 329 19.39 -11.08 2.03
CA ARG A 329 20.20 -9.88 2.07
C ARG A 329 20.16 -9.26 3.46
N VAL A 330 21.30 -8.73 3.90
CA VAL A 330 21.36 -8.03 5.17
C VAL A 330 20.67 -6.68 5.03
N ALA A 331 19.79 -6.35 5.98
CA ALA A 331 18.98 -5.15 5.91
C ALA A 331 19.84 -3.89 5.84
N ARG A 332 20.46 -3.52 6.95
CA ARG A 332 21.30 -2.32 7.05
C ARG A 332 22.71 -2.77 7.38
N PRO A 333 23.48 -3.22 6.39
CA PRO A 333 24.83 -3.73 6.66
C PRO A 333 25.76 -2.60 7.06
N ALA A 334 26.51 -2.82 8.14
CA ALA A 334 27.48 -1.83 8.58
C ALA A 334 28.65 -1.77 7.59
N SER A 335 29.50 -0.78 7.80
CA SER A 335 30.66 -0.61 6.93
C SER A 335 31.59 -1.81 7.04
N LEU A 336 32.05 -2.32 5.89
CA LEU A 336 32.97 -3.45 5.83
C LEU A 336 32.37 -4.72 6.43
N ARG A 337 31.05 -4.88 6.35
CA ARG A 337 30.38 -6.06 6.85
C ARG A 337 29.66 -6.77 5.71
N PRO A 338 29.49 -8.10 5.81
CA PRO A 338 28.91 -8.86 4.70
C PRO A 338 27.51 -8.37 4.34
N ARG A 339 27.21 -8.42 3.04
CA ARG A 339 25.92 -8.00 2.53
C ARG A 339 24.87 -9.11 2.56
N TRP A 340 25.25 -10.33 2.92
CA TRP A 340 24.35 -11.48 2.87
C TRP A 340 24.43 -12.27 4.16
N HIS A 341 23.28 -12.76 4.61
CA HIS A 341 23.24 -13.64 5.76
C HIS A 341 23.78 -15.02 5.40
N LYS A 342 23.99 -15.85 6.42
CA LYS A 342 24.43 -17.21 6.21
C LYS A 342 23.36 -17.99 5.45
N PRO A 343 23.75 -19.08 4.77
CA PRO A 343 22.77 -19.82 3.94
C PRO A 343 21.61 -20.37 4.76
N SER A 344 20.45 -20.43 4.11
CA SER A 344 19.22 -20.93 4.72
C SER A 344 18.44 -21.71 3.67
N THR A 345 17.46 -22.48 4.13
CA THR A 345 16.73 -23.43 3.30
C THR A 345 15.32 -22.92 3.00
N VAL A 346 14.90 -23.06 1.75
CA VAL A 346 13.56 -22.69 1.35
C VAL A 346 12.58 -23.73 1.87
N LEU A 347 11.60 -23.30 2.66
CA LEU A 347 10.60 -24.21 3.22
C LEU A 347 9.41 -24.37 2.29
N LYS A 348 8.85 -23.26 1.80
CA LYS A 348 7.69 -23.29 0.93
C LYS A 348 7.80 -22.17 -0.09
N VAL A 349 7.24 -22.41 -1.27
CA VAL A 349 7.21 -21.44 -2.35
C VAL A 349 5.77 -20.95 -2.48
N LEU A 350 5.49 -19.77 -1.92
CA LEU A 350 4.15 -19.21 -2.00
C LEU A 350 3.81 -18.80 -3.42
N ASN A 351 4.75 -18.16 -4.11
CA ASN A 351 4.62 -17.84 -5.53
C ASN A 351 6.03 -17.73 -6.10
N PRO A 352 6.18 -17.70 -7.44
CA PRO A 352 7.53 -17.67 -8.03
C PRO A 352 8.40 -16.51 -7.57
N ARG A 353 7.84 -15.60 -6.78
CA ARG A 353 8.56 -14.42 -6.30
C ARG A 353 8.60 -14.32 -4.79
N THR A 354 8.00 -15.26 -4.05
CA THR A 354 7.90 -15.17 -2.60
C THR A 354 8.09 -16.56 -2.00
N VAL A 355 8.90 -16.65 -0.94
CA VAL A 355 9.20 -17.91 -0.30
C VAL A 355 9.20 -17.74 1.22
N VAL A 356 9.16 -18.87 1.91
CA VAL A 356 9.37 -18.96 3.35
C VAL A 356 10.68 -19.68 3.58
N ILE A 357 11.55 -19.10 4.41
CA ILE A 357 12.86 -19.67 4.68
C ILE A 357 13.02 -19.90 6.16
N LEU A 358 13.90 -20.83 6.50
CA LEU A 358 14.30 -21.06 7.89
C LEU A 358 15.36 -20.02 8.23
N ASP A 359 14.94 -18.95 8.89
CA ASP A 359 15.76 -17.76 9.07
C ASP A 359 17.07 -18.09 9.80
N HIS A 360 18.03 -17.20 9.65
CA HIS A 360 19.35 -17.37 10.26
C HIS A 360 19.28 -17.40 11.78
N LEU A 361 18.16 -17.01 12.38
CA LEU A 361 17.98 -17.07 13.82
C LEU A 361 17.24 -18.32 14.27
N GLY A 362 16.63 -19.07 13.33
CA GLY A 362 15.83 -20.23 13.63
C GLY A 362 14.35 -20.06 13.37
N ASN A 363 13.92 -18.85 13.01
CA ASN A 363 12.51 -18.56 12.79
C ASN A 363 12.12 -18.81 11.34
N ASN A 364 10.82 -18.81 11.08
CA ASN A 364 10.29 -18.81 9.73
C ASN A 364 10.13 -17.37 9.28
N ARG A 365 10.59 -17.08 8.06
CA ARG A 365 10.56 -15.73 7.52
C ARG A 365 10.01 -15.76 6.10
N THR A 366 9.13 -14.82 5.80
CA THR A 366 8.55 -14.68 4.46
C THR A 366 9.25 -13.53 3.76
N VAL A 367 9.99 -13.85 2.70
CA VAL A 367 10.84 -12.88 2.01
C VAL A 367 10.57 -12.93 0.52
N SER A 368 10.88 -11.82 -0.15
CA SER A 368 10.88 -11.74 -1.61
C SER A 368 12.22 -12.23 -2.15
N ILE A 369 12.19 -12.84 -3.33
CA ILE A 369 13.41 -13.33 -3.95
C ILE A 369 14.33 -12.21 -4.39
N ASP A 370 13.82 -10.97 -4.46
CA ASP A 370 14.68 -9.83 -4.76
C ASP A 370 15.69 -9.60 -3.65
N ASN A 371 15.37 -10.02 -2.42
CA ASN A 371 16.28 -9.98 -1.30
C ASN A 371 16.89 -11.34 -0.99
N LEU A 372 16.94 -12.21 -2.00
CA LEU A 372 17.57 -13.52 -1.87
C LEU A 372 18.57 -13.73 -3.00
N LYS A 373 19.58 -14.55 -2.72
CA LYS A 373 20.45 -15.08 -3.75
C LYS A 373 20.60 -16.57 -3.54
N PRO A 374 20.65 -17.36 -4.61
CA PRO A 374 20.92 -18.80 -4.45
C PRO A 374 22.39 -19.01 -4.08
N THR A 375 22.61 -19.84 -3.07
CA THR A 375 23.98 -20.10 -2.62
C THR A 375 24.77 -20.78 -3.74
N SER A 376 25.91 -20.19 -4.07
CA SER A 376 26.72 -20.70 -5.17
C SER A 376 27.38 -22.02 -4.79
N HIS A 377 27.76 -22.78 -5.82
CA HIS A 377 28.49 -24.04 -5.67
C HIS A 377 27.71 -25.08 -4.87
N GLN A 378 26.39 -24.96 -4.85
CA GLN A 378 25.50 -25.91 -4.15
C GLN A 378 25.88 -26.08 -2.69
N ASP B 119 -36.11 15.91 -19.34
CA ASP B 119 -35.22 16.48 -18.34
C ASP B 119 -34.15 15.47 -17.94
N ARG B 120 -33.00 15.97 -17.49
CA ARG B 120 -31.88 15.09 -17.17
C ARG B 120 -32.15 14.36 -15.86
N PRO B 121 -31.85 13.07 -15.79
CA PRO B 121 -32.06 12.33 -14.54
C PRO B 121 -31.16 12.85 -13.42
N GLN B 122 -31.62 12.67 -12.19
CA GLN B 122 -30.87 13.14 -11.03
C GLN B 122 -29.63 12.27 -10.83
N LYS B 123 -28.55 12.90 -10.39
CA LYS B 123 -27.25 12.26 -10.30
C LYS B 123 -26.60 12.63 -8.97
N PRO B 124 -25.64 11.83 -8.50
CA PRO B 124 -24.81 12.26 -7.37
C PRO B 124 -24.05 13.54 -7.73
N PHE B 125 -23.74 14.32 -6.70
CA PHE B 125 -23.05 15.60 -6.80
C PHE B 125 -23.88 16.67 -7.50
N ASP B 126 -25.13 16.37 -7.87
CA ASP B 126 -26.00 17.41 -8.43
C ASP B 126 -26.35 18.47 -7.38
N LYS B 127 -26.68 18.04 -6.17
CA LYS B 127 -27.13 18.95 -5.14
C LYS B 127 -26.74 18.39 -3.77
N PHE B 128 -26.06 19.21 -2.97
CA PHE B 128 -25.75 18.87 -1.58
C PHE B 128 -26.64 19.70 -0.67
N PHE B 129 -27.26 19.04 0.29
CA PHE B 129 -28.07 19.71 1.31
C PHE B 129 -27.28 19.78 2.60
N ILE B 130 -27.05 20.99 3.11
CA ILE B 130 -26.26 21.18 4.31
C ILE B 130 -27.13 21.86 5.38
N ASP B 131 -26.81 21.56 6.63
CA ASP B 131 -27.47 22.18 7.77
C ASP B 131 -26.64 21.90 9.01
N TYR B 132 -26.90 22.67 10.06
CA TYR B 132 -26.22 22.50 11.34
C TYR B 132 -27.15 21.86 12.36
N ILE B 133 -26.58 20.96 13.17
CA ILE B 133 -27.28 20.34 14.28
C ILE B 133 -26.54 20.75 15.56
N GLY B 134 -27.25 21.41 16.46
CA GLY B 134 -26.65 21.84 17.70
C GLY B 134 -27.29 23.10 18.26
N PRO B 135 -26.75 23.63 19.37
CA PRO B 135 -25.56 23.13 20.07
C PRO B 135 -25.77 21.83 20.84
N LEU B 136 -24.71 21.04 20.96
CA LEU B 136 -24.72 19.73 21.62
C LEU B 136 -23.84 19.77 22.86
N PRO B 137 -23.91 18.77 23.74
CA PRO B 137 -22.94 18.68 24.84
C PRO B 137 -21.52 18.62 24.30
N PRO B 138 -20.59 19.31 24.96
CA PRO B 138 -19.21 19.36 24.44
C PRO B 138 -18.56 17.98 24.43
N SER B 139 -18.06 17.59 23.27
CA SER B 139 -17.35 16.33 23.09
C SER B 139 -16.00 16.65 22.45
N GLN B 140 -14.94 16.64 23.28
CA GLN B 140 -13.57 16.97 22.84
C GLN B 140 -13.51 18.35 22.19
N GLY B 141 -14.29 19.29 22.73
CA GLY B 141 -14.26 20.67 22.30
C GLY B 141 -15.24 21.05 21.21
N TYR B 142 -15.91 20.07 20.59
CA TYR B 142 -16.84 20.35 19.51
C TYR B 142 -18.27 20.39 20.02
N LEU B 143 -19.07 21.28 19.41
CA LEU B 143 -20.43 21.52 19.84
C LEU B 143 -21.48 21.28 18.76
N TYR B 144 -21.14 21.38 17.48
CA TYR B 144 -22.09 21.28 16.40
C TYR B 144 -21.67 20.18 15.43
N VAL B 145 -22.61 19.81 14.56
CA VAL B 145 -22.37 18.84 13.50
C VAL B 145 -22.92 19.43 12.20
N LEU B 146 -22.03 19.67 11.24
CA LEU B 146 -22.47 20.08 9.91
C LEU B 146 -22.88 18.86 9.12
N VAL B 147 -24.15 18.77 8.77
CA VAL B 147 -24.70 17.62 8.06
C VAL B 147 -24.75 17.95 6.58
N VAL B 148 -24.14 17.09 5.76
CA VAL B 148 -24.19 17.21 4.30
C VAL B 148 -24.81 15.94 3.75
N VAL B 149 -25.86 16.10 2.95
CA VAL B 149 -26.56 14.97 2.34
C VAL B 149 -26.63 15.19 0.84
N ASP B 150 -26.23 14.18 0.07
CA ASP B 150 -26.36 14.23 -1.38
C ASP B 150 -27.82 13.96 -1.75
N GLY B 151 -28.39 14.85 -2.56
CA GLY B 151 -29.83 14.80 -2.82
C GLY B 151 -30.28 13.58 -3.59
N MET B 152 -29.39 13.01 -4.41
CA MET B 152 -29.78 11.87 -5.24
C MET B 152 -29.60 10.55 -4.52
N THR B 153 -28.42 10.33 -3.93
CA THR B 153 -28.12 9.05 -3.29
C THR B 153 -28.53 9.00 -1.83
N GLY B 154 -28.68 10.14 -1.17
CA GLY B 154 -28.90 10.15 0.25
C GLY B 154 -27.66 9.96 1.09
N PHE B 155 -26.48 9.95 0.46
CA PHE B 155 -25.24 9.76 1.19
C PHE B 155 -25.00 10.95 2.12
N THR B 156 -24.52 10.65 3.32
CA THR B 156 -24.40 11.64 4.39
C THR B 156 -22.96 11.78 4.84
N TRP B 157 -22.51 13.02 4.98
CA TRP B 157 -21.24 13.35 5.62
C TRP B 157 -21.52 14.14 6.88
N LEU B 158 -20.83 13.80 7.97
CA LEU B 158 -20.99 14.49 9.25
C LEU B 158 -19.65 15.09 9.64
N TYR B 159 -19.62 16.41 9.82
CA TYR B 159 -18.41 17.12 10.20
C TYR B 159 -18.64 17.85 11.52
N PRO B 160 -17.87 17.56 12.57
CA PRO B 160 -18.04 18.29 13.84
C PRO B 160 -17.34 19.64 13.78
N THR B 161 -18.04 20.68 14.20
CA THR B 161 -17.50 22.02 14.29
C THR B 161 -17.66 22.55 15.71
N LYS B 162 -16.99 23.67 15.99
CA LYS B 162 -17.07 24.33 17.28
C LYS B 162 -18.04 25.49 17.29
N ALA B 163 -18.65 25.81 16.15
CA ALA B 163 -19.59 26.92 16.03
C ALA B 163 -20.34 26.82 14.70
N PRO B 164 -21.55 27.38 14.60
CA PRO B 164 -22.26 27.44 13.32
C PRO B 164 -21.85 28.66 12.50
N SER B 165 -20.54 28.83 12.32
CA SER B 165 -19.97 30.00 11.66
C SER B 165 -19.55 29.67 10.24
N THR B 166 -19.35 30.73 9.44
CA THR B 166 -18.84 30.55 8.10
C THR B 166 -17.45 29.94 8.12
N SER B 167 -16.61 30.36 9.07
CA SER B 167 -15.26 29.82 9.18
C SER B 167 -15.28 28.31 9.38
N ALA B 168 -16.06 27.83 10.35
CA ALA B 168 -16.14 26.40 10.58
C ALA B 168 -16.80 25.68 9.42
N THR B 169 -17.72 26.34 8.72
CA THR B 169 -18.36 25.72 7.56
C THR B 169 -17.40 25.57 6.41
N VAL B 170 -16.65 26.64 6.11
CA VAL B 170 -15.65 26.58 5.04
C VAL B 170 -14.57 25.56 5.38
N LYS B 171 -14.18 25.50 6.66
CA LYS B 171 -13.13 24.57 7.07
C LYS B 171 -13.57 23.12 6.87
N SER B 172 -14.84 22.82 7.15
CA SER B 172 -15.32 21.46 7.01
C SER B 172 -15.68 21.12 5.57
N LEU B 173 -16.22 22.09 4.83
CA LEU B 173 -16.54 21.83 3.42
C LEU B 173 -15.30 21.77 2.55
N ASN B 174 -14.19 22.37 2.98
CA ASN B 174 -12.94 22.21 2.24
C ASN B 174 -12.46 20.77 2.27
N VAL B 175 -12.72 20.05 3.36
CA VAL B 175 -12.39 18.63 3.42
C VAL B 175 -13.27 17.86 2.44
N LEU B 176 -14.57 18.15 2.44
CA LEU B 176 -15.49 17.42 1.55
C LEU B 176 -15.22 17.76 0.10
N THR B 177 -15.03 19.04 -0.22
CA THR B 177 -14.81 19.43 -1.61
C THR B 177 -13.43 19.03 -2.13
N SER B 178 -12.56 18.49 -1.29
CA SER B 178 -11.33 17.88 -1.75
C SER B 178 -11.55 16.43 -2.20
N ILE B 179 -12.78 15.93 -2.08
CA ILE B 179 -13.15 14.60 -2.55
C ILE B 179 -14.14 14.68 -3.69
N ALA B 180 -15.16 15.53 -3.56
CA ALA B 180 -16.15 15.76 -4.61
C ALA B 180 -16.73 17.14 -4.43
N ILE B 181 -17.06 17.79 -5.54
CA ILE B 181 -17.58 19.14 -5.54
C ILE B 181 -19.01 19.10 -6.09
N PRO B 182 -20.00 19.57 -5.34
CA PRO B 182 -21.37 19.58 -5.85
C PRO B 182 -21.59 20.73 -6.81
N LYS B 183 -22.58 20.55 -7.69
CA LYS B 183 -23.00 21.65 -8.54
C LYS B 183 -23.76 22.71 -7.76
N VAL B 184 -24.61 22.28 -6.83
CA VAL B 184 -25.46 23.16 -6.04
C VAL B 184 -25.38 22.76 -4.58
N ILE B 185 -25.30 23.76 -3.70
CA ILE B 185 -25.44 23.58 -2.27
C ILE B 185 -26.74 24.24 -1.82
N HIS B 186 -27.59 23.49 -1.15
CA HIS B 186 -28.87 23.99 -0.65
C HIS B 186 -28.84 24.05 0.86
N SER B 187 -29.31 25.17 1.42
CA SER B 187 -29.38 25.36 2.86
C SER B 187 -30.53 26.29 3.17
N ASP B 188 -30.74 26.53 4.46
CA ASP B 188 -31.69 27.56 4.89
C ASP B 188 -30.96 28.90 4.96
N GLN B 189 -31.69 29.94 5.38
CA GLN B 189 -31.11 31.28 5.44
C GLN B 189 -30.27 31.46 6.69
N GLY B 190 -29.58 30.40 7.11
CA GLY B 190 -28.68 30.52 8.25
C GLY B 190 -27.58 31.52 7.99
N ALA B 191 -27.08 32.12 9.07
CA ALA B 191 -26.11 33.20 8.95
C ALA B 191 -24.82 32.74 8.29
N ALA B 192 -24.35 31.54 8.64
CA ALA B 192 -23.10 31.05 8.09
C ALA B 192 -23.19 30.79 6.59
N PHE B 193 -24.39 30.58 6.06
CA PHE B 193 -24.57 30.23 4.67
C PHE B 193 -24.91 31.42 3.79
N THR B 194 -25.44 32.50 4.36
CA THR B 194 -25.80 33.70 3.61
C THR B 194 -24.73 34.78 3.71
N SER B 195 -23.61 34.49 4.35
CA SER B 195 -22.54 35.48 4.47
C SER B 195 -21.86 35.72 3.14
N SER B 196 -21.30 36.92 2.98
CA SER B 196 -20.56 37.22 1.76
C SER B 196 -19.29 36.39 1.64
N THR B 197 -18.72 35.98 2.77
CA THR B 197 -17.53 35.12 2.75
C THR B 197 -17.87 33.75 2.17
N PHE B 198 -18.92 33.12 2.68
CA PHE B 198 -19.34 31.82 2.16
C PHE B 198 -19.78 31.92 0.71
N ALA B 199 -20.33 33.07 0.30
CA ALA B 199 -20.68 33.27 -1.10
C ALA B 199 -19.44 33.31 -1.98
N GLU B 200 -18.40 34.03 -1.52
CA GLU B 200 -17.14 34.06 -2.26
C GLU B 200 -16.50 32.68 -2.30
N TRP B 201 -16.61 31.91 -1.21
CA TRP B 201 -16.06 30.56 -1.19
C TRP B 201 -16.73 29.67 -2.23
N ALA B 202 -18.06 29.74 -2.33
CA ALA B 202 -18.77 28.90 -3.28
C ALA B 202 -18.51 29.33 -4.72
N LYS B 203 -18.39 30.64 -4.95
CA LYS B 203 -18.15 31.14 -6.30
C LYS B 203 -16.78 30.70 -6.82
N GLU B 204 -15.79 30.59 -5.94
CA GLU B 204 -14.45 30.19 -6.38
C GLU B 204 -14.42 28.74 -6.86
N ARG B 205 -15.28 27.89 -6.30
CA ARG B 205 -15.35 26.48 -6.67
C ARG B 205 -16.44 26.20 -7.69
N GLY B 206 -17.09 27.23 -8.22
CA GLY B 206 -18.17 27.02 -9.17
C GLY B 206 -19.42 26.41 -8.59
N ILE B 207 -19.64 26.58 -7.28
CA ILE B 207 -20.81 26.02 -6.62
C ILE B 207 -21.91 27.08 -6.59
N HIS B 208 -23.09 26.73 -7.08
CA HIS B 208 -24.24 27.61 -7.02
C HIS B 208 -24.94 27.44 -5.67
N LEU B 209 -25.12 28.54 -4.95
CA LEU B 209 -25.83 28.51 -3.68
C LEU B 209 -27.32 28.69 -3.92
N GLU B 210 -28.11 27.88 -3.22
CA GLU B 210 -29.57 27.88 -3.35
C GLU B 210 -30.17 27.84 -1.95
N PHE B 211 -30.99 28.83 -1.64
CA PHE B 211 -31.54 28.99 -0.30
C PHE B 211 -33.04 28.74 -0.30
N SER B 212 -33.52 28.09 0.75
CA SER B 212 -34.95 27.94 0.95
C SER B 212 -35.54 29.24 1.51
N THR B 213 -36.85 29.37 1.38
CA THR B 213 -37.53 30.55 1.89
C THR B 213 -37.35 30.64 3.40
N PRO B 214 -37.15 31.85 3.95
CA PRO B 214 -37.10 31.99 5.40
C PRO B 214 -38.35 31.43 6.06
N TYR B 215 -38.14 30.65 7.12
CA TYR B 215 -39.20 30.03 7.91
C TYR B 215 -39.96 28.97 7.12
N HIS B 216 -39.55 28.71 5.89
CA HIS B 216 -40.14 27.67 5.04
C HIS B 216 -39.03 26.73 4.59
N PRO B 217 -38.52 25.88 5.48
CA PRO B 217 -37.44 24.96 5.09
C PRO B 217 -37.95 23.92 4.11
N GLN B 218 -37.27 23.83 2.97
CA GLN B 218 -37.69 22.94 1.88
C GLN B 218 -36.49 22.24 1.30
N SER B 219 -36.56 20.91 1.22
CA SER B 219 -35.51 20.12 0.58
C SER B 219 -36.15 19.10 -0.35
N SER B 220 -36.11 17.82 0.02
CA SER B 220 -36.82 16.77 -0.69
C SER B 220 -37.24 15.71 0.31
N GLY B 221 -38.18 14.88 -0.11
CA GLY B 221 -38.68 13.83 0.77
C GLY B 221 -37.57 12.92 1.26
N LYS B 222 -36.72 12.46 0.35
CA LYS B 222 -35.60 11.61 0.74
C LYS B 222 -34.65 12.34 1.68
N VAL B 223 -34.44 13.64 1.45
CA VAL B 223 -33.55 14.41 2.32
C VAL B 223 -34.22 14.71 3.65
N GLU B 224 -35.51 15.07 3.63
CA GLU B 224 -36.23 15.32 4.87
C GLU B 224 -36.19 14.09 5.78
N ARG B 225 -36.51 12.92 5.24
CA ARG B 225 -36.48 11.69 6.04
C ARG B 225 -35.06 11.36 6.48
N LYS B 226 -34.07 11.62 5.62
CA LYS B 226 -32.68 11.36 5.99
C LYS B 226 -32.25 12.22 7.17
N ASN B 227 -32.59 13.51 7.13
CA ASN B 227 -32.27 14.39 8.26
C ASN B 227 -33.04 14.00 9.51
N SER B 228 -34.23 13.43 9.35
CA SER B 228 -34.97 12.92 10.50
C SER B 228 -34.21 11.76 11.15
N ASP B 229 -33.71 10.84 10.33
CA ASP B 229 -32.98 9.68 10.86
C ASP B 229 -31.72 10.13 11.60
N ILE B 230 -31.06 11.18 11.12
CA ILE B 230 -29.82 11.64 11.74
C ILE B 230 -30.11 12.24 13.11
N LYS B 231 -31.12 13.11 13.21
CA LYS B 231 -31.46 13.72 14.49
C LYS B 231 -31.93 12.67 15.49
N ARG B 232 -32.62 11.64 15.01
CA ARG B 232 -33.09 10.58 15.91
C ARG B 232 -31.95 9.64 16.29
N LEU B 233 -31.09 9.28 15.33
CA LEU B 233 -29.98 8.38 15.64
C LEU B 233 -28.97 9.04 16.57
N LEU B 234 -28.75 10.35 16.40
CA LEU B 234 -27.86 11.06 17.32
C LEU B 234 -28.42 11.05 18.74
N THR B 235 -29.73 11.24 18.88
CA THR B 235 -30.35 11.26 20.21
C THR B 235 -30.22 9.91 20.90
N LYS B 236 -30.44 8.82 20.16
CA LYS B 236 -30.43 7.49 20.78
C LYS B 236 -29.06 7.15 21.35
N LEU B 237 -27.99 7.68 20.77
CA LEU B 237 -26.64 7.42 21.27
C LEU B 237 -26.11 8.55 22.14
N LEU B 238 -26.76 9.72 22.13
CA LEU B 238 -26.36 10.78 23.06
C LEU B 238 -26.67 10.39 24.50
N VAL B 239 -27.79 9.70 24.73
CA VAL B 239 -28.13 9.28 26.08
C VAL B 239 -27.13 8.24 26.56
N GLY B 240 -26.70 8.38 27.81
CA GLY B 240 -25.69 7.52 28.39
C GLY B 240 -24.27 7.99 28.14
N ARG B 241 -24.00 8.51 26.94
CA ARG B 241 -22.67 9.02 26.56
C ARG B 241 -22.83 10.36 25.86
N PRO B 242 -23.27 11.39 26.58
CA PRO B 242 -23.54 12.68 25.92
C PRO B 242 -22.29 13.43 25.50
N THR B 243 -21.13 13.11 26.07
CA THR B 243 -19.89 13.81 25.77
C THR B 243 -18.90 12.94 25.01
N LYS B 244 -19.38 11.88 24.34
CA LYS B 244 -18.52 10.99 23.58
C LYS B 244 -19.00 10.79 22.15
N TRP B 245 -19.85 11.70 21.64
CA TRP B 245 -20.39 11.54 20.30
C TRP B 245 -19.38 11.86 19.22
N TYR B 246 -18.27 12.53 19.55
CA TYR B 246 -17.25 12.82 18.55
C TYR B 246 -16.64 11.54 18.01
N ASP B 247 -16.31 10.59 18.90
CA ASP B 247 -15.76 9.32 18.47
C ASP B 247 -16.76 8.47 17.70
N LEU B 248 -18.07 8.70 17.93
CA LEU B 248 -19.11 7.89 17.31
C LEU B 248 -19.53 8.38 15.93
N LEU B 249 -19.15 9.59 15.54
CA LEU B 249 -19.52 10.10 14.22
C LEU B 249 -19.12 9.17 13.06
N PRO B 250 -17.94 8.53 13.06
CA PRO B 250 -17.68 7.57 11.96
C PRO B 250 -18.70 6.45 11.85
N VAL B 251 -18.98 5.74 12.94
CA VAL B 251 -19.92 4.64 12.87
C VAL B 251 -21.35 5.12 12.62
N VAL B 252 -21.66 6.38 12.95
CA VAL B 252 -22.97 6.92 12.63
C VAL B 252 -23.12 7.11 11.12
N GLN B 253 -22.07 7.63 10.47
CA GLN B 253 -22.13 7.80 9.02
C GLN B 253 -22.27 6.46 8.31
N LEU B 254 -21.55 5.44 8.78
CA LEU B 254 -21.66 4.12 8.18
C LEU B 254 -23.08 3.58 8.27
N ALA B 255 -23.71 3.73 9.44
CA ALA B 255 -25.08 3.28 9.61
C ALA B 255 -26.03 4.01 8.66
N LEU B 256 -25.94 5.35 8.63
CA LEU B 256 -26.83 6.15 7.79
C LEU B 256 -26.66 5.79 6.32
N ASN B 257 -25.41 5.62 5.87
CA ASN B 257 -25.13 5.37 4.47
C ASN B 257 -25.30 3.91 4.06
N ASN B 258 -25.53 3.01 5.02
CA ASN B 258 -25.84 1.62 4.72
C ASN B 258 -27.26 1.24 5.14
N THR B 259 -28.14 2.23 5.27
CA THR B 259 -29.54 2.00 5.58
C THR B 259 -30.30 1.78 4.28
N TYR B 260 -31.10 0.71 4.23
CA TYR B 260 -31.87 0.39 3.04
CA TYR B 260 -31.86 0.40 3.04
C TYR B 260 -32.95 1.44 2.81
N SER B 261 -33.05 1.91 1.57
CA SER B 261 -34.02 2.93 1.21
C SER B 261 -35.28 2.26 0.66
N PRO B 262 -36.45 2.45 1.28
CA PRO B 262 -37.66 1.79 0.76
C PRO B 262 -38.07 2.28 -0.61
N VAL B 263 -37.79 3.53 -0.96
CA VAL B 263 -38.22 4.07 -2.25
C VAL B 263 -37.30 3.57 -3.37
N LEU B 264 -36.00 3.77 -3.23
CA LEU B 264 -35.06 3.41 -4.29
C LEU B 264 -34.64 1.95 -4.22
N LYS B 265 -34.90 1.26 -3.10
CA LYS B 265 -34.50 -0.13 -2.90
C LYS B 265 -32.98 -0.31 -3.03
N TYR B 266 -32.23 0.72 -2.65
CA TYR B 266 -30.78 0.66 -2.61
C TYR B 266 -30.29 1.58 -1.50
N THR B 267 -29.20 1.19 -0.85
CA THR B 267 -28.60 2.02 0.19
C THR B 267 -27.84 3.17 -0.45
N PRO B 268 -27.60 4.25 0.30
CA PRO B 268 -26.78 5.35 -0.25
C PRO B 268 -25.39 4.89 -0.68
N HIS B 269 -24.79 3.96 0.05
CA HIS B 269 -23.48 3.43 -0.33
C HIS B 269 -23.55 2.76 -1.70
N GLN B 270 -24.60 1.99 -1.94
CA GLN B 270 -24.72 1.27 -3.22
C GLN B 270 -24.95 2.23 -4.37
N LEU B 271 -25.69 3.32 -4.15
CA LEU B 271 -25.95 4.28 -5.22
C LEU B 271 -24.74 5.16 -5.51
N LEU B 272 -23.87 5.37 -4.52
CA LEU B 272 -22.72 6.25 -4.74
C LEU B 272 -21.55 5.50 -5.37
N PHE B 273 -21.34 4.24 -4.99
CA PHE B 273 -20.19 3.47 -5.47
C PHE B 273 -20.56 2.34 -6.43
N GLY B 274 -21.84 1.99 -6.55
CA GLY B 274 -22.21 0.91 -7.43
C GLY B 274 -21.79 -0.47 -6.98
N ILE B 275 -21.53 -0.65 -5.68
CA ILE B 275 -21.11 -1.93 -5.13
C ILE B 275 -21.81 -2.15 -3.80
N ASP B 276 -21.83 -3.41 -3.37
CA ASP B 276 -22.22 -3.71 -2.00
C ASP B 276 -21.15 -3.23 -1.03
N SER B 277 -21.49 -3.21 0.25
CA SER B 277 -20.63 -2.70 1.29
C SER B 277 -20.08 -3.83 2.14
N ASN B 278 -18.88 -3.62 2.69
CA ASN B 278 -18.28 -4.56 3.61
C ASN B 278 -18.86 -4.46 5.02
N THR B 279 -19.67 -3.44 5.29
CA THR B 279 -20.37 -3.31 6.57
C THR B 279 -21.86 -3.14 6.28
N PRO B 280 -22.57 -4.23 5.98
CA PRO B 280 -24.03 -4.14 5.84
C PRO B 280 -24.68 -4.13 7.22
N PHE B 281 -25.63 -3.22 7.41
CA PHE B 281 -26.31 -3.07 8.68
C PHE B 281 -27.69 -3.72 8.58
N ALA B 282 -27.70 -5.04 8.76
CA ALA B 282 -28.94 -5.79 8.71
C ALA B 282 -29.76 -5.60 9.99
N ASN B 283 -29.09 -5.51 11.14
CA ASN B 283 -29.77 -5.25 12.40
C ASN B 283 -30.07 -3.76 12.50
N GLN B 284 -31.36 -3.43 12.61
CA GLN B 284 -31.81 -2.05 12.70
C GLN B 284 -32.02 -1.68 14.16
N ASP B 285 -31.36 -0.62 14.61
CA ASP B 285 -31.69 -0.06 15.91
C ASP B 285 -33.15 0.34 15.94
N THR B 286 -33.75 0.29 17.13
CA THR B 286 -35.16 0.66 17.27
C THR B 286 -35.39 2.09 16.84
N LEU B 287 -34.37 2.94 16.92
CA LEU B 287 -34.42 4.35 16.54
C LEU B 287 -35.38 5.13 17.43
N ASP B 288 -36.11 4.40 18.29
CA ASP B 288 -36.94 4.98 19.32
C ASP B 288 -36.29 4.71 20.67
N LEU B 289 -36.49 5.64 21.61
CA LEU B 289 -35.88 5.53 22.92
C LEU B 289 -36.63 4.52 23.76
N THR B 290 -35.91 3.53 24.28
CA THR B 290 -36.51 2.59 25.21
C THR B 290 -36.93 3.32 26.48
N ARG B 291 -37.78 2.65 27.28
CA ARG B 291 -38.35 3.30 28.46
C ARG B 291 -37.27 3.73 29.43
N GLU B 292 -36.18 2.97 29.55
CA GLU B 292 -35.08 3.35 30.43
C GLU B 292 -34.25 4.49 29.85
N GLU B 293 -34.15 4.56 28.52
CA GLU B 293 -33.41 5.66 27.91
C GLU B 293 -34.18 6.97 27.99
N GLU B 294 -35.52 6.90 28.04
CA GLU B 294 -36.31 8.11 28.21
C GLU B 294 -36.13 8.70 29.61
N LEU B 295 -36.04 7.83 30.62
CA LEU B 295 -35.86 8.32 31.98
C LEU B 295 -34.48 8.92 32.18
N SER B 296 -33.45 8.28 31.63
CA SER B 296 -32.09 8.82 31.74
C SER B 296 -31.87 10.03 30.85
N LEU B 297 -32.83 10.38 29.99
CA LEU B 297 -32.75 11.59 29.18
C LEU B 297 -33.50 12.76 29.81
N LEU B 298 -34.66 12.50 30.42
CA LEU B 298 -35.38 13.56 31.11
C LEU B 298 -34.61 14.09 32.32
N GLN B 299 -33.65 13.32 32.82
CA GLN B 299 -32.79 13.78 33.91
C GLN B 299 -31.64 14.64 33.41
N GLU B 300 -31.25 14.50 32.16
CA GLU B 300 -30.17 15.29 31.58
C GLU B 300 -30.68 16.63 31.06
MG MG E . 6.88 2.83 3.62
MG MG F . 7.26 4.22 0.28
C1 R7K G . 12.20 3.24 -2.60
C3 R7K G . 11.63 2.42 -3.58
C4 R7K G . 12.43 1.59 -4.34
C5 R7K G . 11.86 0.78 -5.32
C6 R7K G . 10.50 0.81 -5.54
C7 R7K G . 9.68 1.64 -4.78
C8 R7K G . 10.25 2.45 -3.79
C12 R7K G . 12.01 2.73 -0.21
C14 R7K G . 11.17 2.69 0.91
C15 R7K G . 9.89 3.22 0.86
C17 R7K G . 9.56 2.63 3.11
C18 R7K G . 10.83 2.08 3.23
C19 R7K G . 11.63 2.14 2.08
C28 R7K G . 11.20 1.52 4.48
C29 R7K G . 10.30 1.54 5.53
C30 R7K G . 9.04 2.10 5.38
C34 R7K G . 12.44 0.94 4.75
F10 R7K G . 9.47 3.26 -3.05
F9 R7K G . 9.95 0.02 -6.50
N11 R7K G . 11.43 3.15 -1.35
N26 R7K G . 9.12 3.17 1.97
N31 R7K G . 8.69 2.63 4.15
O13 R7K G . 13.18 2.39 -0.13
O27 R7K G . 12.90 1.64 2.05
O32 R7K G . 7.87 3.68 1.93
O33 R7K G . 9.44 3.73 -0.16
O35 R7K G . 13.39 1.95 5.08
ZN ZN H . 36.83 -17.14 0.39
S SO4 I . 30.17 0.56 3.12
O1 SO4 I . 31.00 1.69 3.49
O2 SO4 I . 30.95 -0.67 3.24
O3 SO4 I . 29.01 0.48 4.01
O4 SO4 I . 29.71 0.71 1.75
S SO4 J . -3.21 -12.70 -7.64
O1 SO4 J . -2.70 -11.59 -6.84
O2 SO4 J . -2.09 -13.48 -8.17
O3 SO4 J . -4.04 -13.55 -6.80
O4 SO4 J . -4.01 -12.18 -8.75
S SO4 K . 4.55 26.98 6.94
O1 SO4 K . 5.81 26.99 6.19
O2 SO4 K . 4.81 26.59 8.32
O3 SO4 K . 3.64 26.01 6.33
O4 SO4 K . 3.95 28.30 6.92
S SO4 L . 10.01 2.88 10.37
O1 SO4 L . 11.29 3.54 10.13
O2 SO4 L . 9.82 1.81 9.40
O3 SO4 L . 10.00 2.32 11.72
O4 SO4 L . 8.92 3.85 10.24
S SO4 M . 24.14 -14.52 10.11
O1 SO4 M . 24.30 -13.12 10.53
O2 SO4 M . 25.43 -15.03 9.65
O3 SO4 M . 23.65 -15.31 11.22
O4 SO4 M . 23.18 -14.59 9.01
S SO4 N . 49.39 -51.27 -16.58
O1 SO4 N . 50.17 -50.11 -16.99
O2 SO4 N . 50.05 -52.49 -17.03
O3 SO4 N . 49.27 -51.29 -15.12
O4 SO4 N . 48.06 -51.19 -17.17
S SO4 O . 44.48 -27.24 -15.44
O1 SO4 O . 45.41 -26.16 -15.13
O2 SO4 O . 45.21 -28.43 -15.83
O3 SO4 O . 43.64 -27.51 -14.28
O4 SO4 O . 43.64 -26.83 -16.56
S SO4 P . 30.89 -4.99 -0.10
O1 SO4 P . 31.13 -3.55 -0.01
O2 SO4 P . 31.99 -5.62 -0.83
O3 SO4 P . 30.83 -5.55 1.25
O4 SO4 P . 29.63 -5.24 -0.79
C1 GOL Q . 3.44 6.73 19.20
O1 GOL Q . 2.59 7.78 19.53
C2 GOL Q . 2.60 5.72 18.37
O2 GOL Q . 1.86 4.88 19.18
C3 GOL Q . 3.63 4.95 17.52
O3 GOL Q . 4.19 3.98 18.34
C1 GOL R . 3.78 -4.10 -18.45
O1 GOL R . 4.55 -4.57 -19.51
C2 GOL R . 3.36 -2.66 -18.83
O2 GOL R . 2.06 -2.59 -19.30
C3 GOL R . 3.55 -1.84 -17.53
O3 GOL R . 2.54 -2.21 -16.65
C1 GOL S . 52.56 -23.32 -1.04
O1 GOL S . 51.98 -24.49 -1.50
C2 GOL S . 53.50 -22.82 -2.15
O2 GOL S . 53.11 -23.26 -3.39
C3 GOL S . 53.47 -21.28 -2.02
O3 GOL S . 54.18 -20.78 -3.11
C1 GOL T . 19.10 -21.86 12.74
O1 GOL T . 19.21 -20.76 13.57
C2 GOL T . 19.47 -21.35 11.33
O2 GOL T . 20.83 -21.43 11.06
C3 GOL T . 18.64 -22.20 10.36
O3 GOL T . 18.59 -21.52 9.13
O1 MES U . 12.95 -1.63 11.38
C2 MES U . 13.70 -1.04 10.32
C3 MES U . 12.80 -0.42 9.26
N4 MES U . 11.79 -1.43 8.90
C5 MES U . 11.03 -2.04 9.97
C6 MES U . 12.05 -2.63 10.92
C7 MES U . 11.14 -1.26 7.62
C8 MES U . 10.75 -2.66 7.16
S MES U . 10.18 -2.60 5.60
O1S MES U . 11.28 -2.22 4.69
O2S MES U . 9.66 -3.94 5.22
O3S MES U . 9.09 -1.60 5.50
S SO4 V . -36.17 7.14 1.38
O1 SO4 V . -34.86 7.68 1.73
O2 SO4 V . -36.01 5.83 0.76
O3 SO4 V . -36.97 7.01 2.60
O4 SO4 V . -36.83 8.05 0.46
S SO4 W . -40.15 14.85 -3.20
O1 SO4 W . -39.48 16.12 -2.91
O2 SO4 W . -39.14 13.84 -3.50
O3 SO4 W . -40.93 14.45 -2.04
O4 SO4 W . -41.03 15.03 -4.36
C1 GOL X . -25.98 -1.03 -8.52
O1 GOL X . -27.25 -0.65 -8.97
C2 GOL X . -26.20 -1.91 -7.28
O2 GOL X . -26.61 -1.19 -6.18
C3 GOL X . -24.83 -2.60 -7.05
O3 GOL X . -24.85 -3.12 -5.77
C1 GOL Y . 2.08 1.95 -18.17
O1 GOL Y . 1.54 0.73 -17.81
C2 GOL Y . 1.58 2.26 -19.60
O2 GOL Y . 0.70 1.30 -20.07
C3 GOL Y . 0.93 3.65 -19.49
O3 GOL Y . 0.54 4.01 -20.79
S SO4 Z . -6.32 14.89 -44.89
O1 SO4 Z . -5.60 16.13 -44.66
O2 SO4 Z . -5.44 13.93 -45.57
O3 SO4 Z . -6.76 14.32 -43.62
O4 SO4 Z . -7.49 15.15 -45.73
#